data_9EI7
#
_entry.id   9EI7
#
_cell.length_a   55.106
_cell.length_b   104.230
_cell.length_c   39.954
_cell.angle_alpha   90.00
_cell.angle_beta   90.00
_cell.angle_gamma   90.00
#
_symmetry.space_group_name_H-M   'P 21 21 2'
#
loop_
_entity.id
_entity.type
_entity.pdbx_description
1 polymer 'Prolyl 4-hydroxylase alpha subunit domain-containing protein'
2 non-polymer 1-(5-amino-3,7-anhydro-5-deoxy-2-O-phosphono-D-threo-beta-D-allo-octofuranuronosyl)pyrimidine-2,4(1H,3H)-dione
3 non-polymer GLYCEROL
4 non-polymer 'SUCCINIC ACID'
5 non-polymer 'CHLORIDE ION'
6 non-polymer 'VANADIUM ION'
7 water water
#
_entity_poly.entity_id   1
_entity_poly.type   'polypeptide(L)'
_entity_poly.pdbx_seq_one_letter_code
;MGSSHHHHHHSSGENLYFQGHMIDFNAIKNAELLVKPFKVGITTNLFTDPKPLFKSYPNSGFHNIEKGTEHEKQYRFSVR
EITTSDLENDFKNLGKCWQILYQEVSSVQYRDAILKAIDLDISGLKFKMGFYKYYRTGDWISPHKDKPEKILNHVMFFNE
TWNCANGGQFLGLRSQNMDDIVFEVEPLVGNSVFFEPRENSWHAVRPLLCDQPRLSVQIEIFRTQF
;
_entity_poly.pdbx_strand_id   A
#
# COMPACT_ATOMS: atom_id res chain seq x y z
N SER A 11 -26.42 13.25 19.09
CA SER A 11 -25.52 14.38 18.79
C SER A 11 -24.24 14.35 19.60
N SER A 12 -23.13 14.67 18.94
CA SER A 12 -21.87 14.63 19.66
C SER A 12 -21.69 15.87 20.53
N GLY A 13 -20.68 15.82 21.40
CA GLY A 13 -20.45 16.90 22.32
C GLY A 13 -19.76 18.08 21.66
N GLU A 14 -19.99 19.26 22.25
CA GLU A 14 -19.45 20.53 21.77
C GLU A 14 -18.06 20.73 22.37
N ASN A 15 -17.11 20.01 21.80
CA ASN A 15 -15.74 19.93 22.33
C ASN A 15 -14.79 19.44 21.22
N LEU A 16 -13.50 19.48 21.53
CA LEU A 16 -12.42 19.00 20.65
C LEU A 16 -12.33 17.48 20.67
N TYR A 17 -11.73 16.92 19.62
CA TYR A 17 -11.30 15.53 19.69
C TYR A 17 -9.88 15.37 19.14
N PHE A 18 -9.13 14.46 19.77
CA PHE A 18 -7.72 14.31 19.46
C PHE A 18 -7.56 13.64 18.10
N GLN A 19 -6.66 14.18 17.28
CA GLN A 19 -6.25 13.52 16.04
C GLN A 19 -4.80 13.91 15.77
N GLY A 20 -3.88 13.06 16.18
CA GLY A 20 -2.48 13.46 16.22
C GLY A 20 -1.86 13.58 14.83
N HIS A 21 -2.28 12.72 13.91
CA HIS A 21 -1.71 12.65 12.57
C HIS A 21 -2.72 12.01 11.64
N MET A 22 -2.45 12.13 10.34
CA MET A 22 -3.22 11.42 9.31
C MET A 22 -3.18 9.91 9.54
N ILE A 23 -2.00 9.39 9.83
CA ILE A 23 -1.81 7.98 10.18
C ILE A 23 -2.01 7.79 11.69
N ASP A 24 -2.70 6.72 12.06
CA ASP A 24 -2.69 6.25 13.44
C ASP A 24 -1.47 5.31 13.57
N PHE A 25 -0.36 5.85 14.10
CA PHE A 25 0.85 5.05 14.24
C PHE A 25 0.65 3.89 15.17
N ASN A 26 -0.30 3.96 16.08
CA ASN A 26 -0.56 2.80 16.93
C ASN A 26 -1.14 1.66 16.11
N ALA A 27 -1.79 1.95 14.98
CA ALA A 27 -2.31 0.86 14.14
C ALA A 27 -1.18 0.10 13.48
N ILE A 28 -0.02 0.74 13.27
CA ILE A 28 1.17 0.04 12.79
C ILE A 28 1.83 -0.72 13.93
N LYS A 29 2.12 -0.05 15.05
CA LYS A 29 2.75 -0.72 16.21
C LYS A 29 1.96 -1.95 16.64
N ASN A 30 0.63 -1.87 16.65
CA ASN A 30 -0.20 -2.97 17.08
C ASN A 30 -0.87 -3.69 15.92
N ALA A 31 -0.26 -3.70 14.73
CA ALA A 31 -0.81 -4.47 13.63
C ALA A 31 -0.89 -5.95 13.96
N GLU A 32 -1.82 -6.64 13.30
CA GLU A 32 -1.76 -8.08 13.20
C GLU A 32 -0.42 -8.47 12.56
N LEU A 33 0.31 -9.36 13.20
CA LEU A 33 1.65 -9.69 12.74
C LEU A 33 1.77 -11.19 12.54
N LEU A 34 1.96 -11.59 11.28
CA LEU A 34 2.25 -12.98 10.99
C LEU A 34 3.76 -13.16 10.96
N VAL A 35 4.22 -14.34 11.39
CA VAL A 35 5.59 -14.75 11.14
C VAL A 35 5.71 -15.92 10.17
N LYS A 36 4.65 -16.69 9.96
CA LYS A 36 4.57 -17.71 8.92
C LYS A 36 3.26 -17.49 8.15
N PRO A 37 3.25 -17.61 6.81
CA PRO A 37 4.31 -18.11 5.91
C PRO A 37 5.57 -17.22 5.82
N PHE A 38 5.40 -15.92 6.03
CA PHE A 38 6.52 -14.99 6.08
C PHE A 38 6.12 -13.89 7.05
N LYS A 39 7.09 -13.04 7.42
CA LYS A 39 6.79 -12.00 8.40
C LYS A 39 6.10 -10.82 7.71
N VAL A 40 4.88 -10.53 8.12
CA VAL A 40 4.09 -9.50 7.43
C VAL A 40 3.11 -8.90 8.44
N GLY A 41 3.00 -7.58 8.46
CA GLY A 41 2.01 -6.88 9.29
C GLY A 41 0.79 -6.45 8.50
N ILE A 42 -0.36 -6.53 9.14
CA ILE A 42 -1.63 -6.17 8.49
C ILE A 42 -2.33 -5.19 9.40
N THR A 43 -2.65 -3.99 8.90
CA THR A 43 -3.35 -3.04 9.76
C THR A 43 -4.85 -3.05 9.51
N THR A 44 -5.55 -2.50 10.49
CA THR A 44 -6.94 -2.07 10.37
C THR A 44 -6.99 -0.63 10.88
N ASN A 45 -7.79 0.22 10.24
CA ASN A 45 -7.97 1.60 10.74
C ASN A 45 -6.65 2.36 10.80
N LEU A 46 -5.82 2.19 9.77
CA LEU A 46 -4.55 2.92 9.69
C LEU A 46 -4.73 4.42 9.66
N PHE A 47 -5.83 4.93 9.09
CA PHE A 47 -6.05 6.37 8.93
C PHE A 47 -7.05 6.91 9.93
N THR A 48 -6.71 8.04 10.55
CA THR A 48 -7.60 8.62 11.55
C THR A 48 -8.88 9.21 10.96
N ASP A 49 -8.83 9.71 9.71
CA ASP A 49 -9.97 10.35 9.05
C ASP A 49 -10.09 9.73 7.66
N PRO A 50 -10.63 8.49 7.57
CA PRO A 50 -10.56 7.73 6.31
C PRO A 50 -11.52 8.18 5.23
N LYS A 51 -12.68 8.70 5.62
CA LYS A 51 -13.76 8.91 4.65
C LYS A 51 -13.39 9.77 3.46
N PRO A 52 -12.72 10.92 3.62
CA PRO A 52 -12.49 11.78 2.45
C PRO A 52 -11.36 11.33 1.55
N LEU A 53 -10.62 10.28 1.94
CA LEU A 53 -9.41 9.93 1.20
C LEU A 53 -9.74 9.36 -0.17
N PHE A 54 -10.83 8.59 -0.29
CA PHE A 54 -11.24 8.05 -1.59
C PHE A 54 -11.48 9.17 -2.60
N LYS A 55 -12.26 10.17 -2.21
CA LYS A 55 -12.59 11.25 -3.14
C LYS A 55 -11.37 12.07 -3.54
N SER A 56 -10.37 12.17 -2.65
CA SER A 56 -9.18 12.97 -2.91
C SER A 56 -8.09 12.22 -3.68
N TYR A 57 -8.22 10.94 -3.86
CA TYR A 57 -7.24 10.19 -4.64
C TYR A 57 -7.14 10.75 -6.06
N PRO A 58 -5.92 10.85 -6.61
CA PRO A 58 -5.75 11.56 -7.89
C PRO A 58 -6.47 10.81 -9.00
N ASN A 59 -6.99 11.57 -9.96
CA ASN A 59 -7.72 10.99 -11.09
C ASN A 59 -7.02 11.16 -12.42
N SER A 60 -5.88 11.82 -12.46
CA SER A 60 -5.14 12.02 -13.71
C SER A 60 -3.66 11.79 -13.45
N GLY A 61 -2.87 11.79 -14.53
CA GLY A 61 -1.44 11.63 -14.41
C GLY A 61 -0.97 10.20 -14.37
N PHE A 62 -1.84 9.24 -14.64
CA PHE A 62 -1.46 7.84 -14.55
C PHE A 62 -0.92 7.37 -15.89
N HIS A 63 -0.09 6.33 -15.85
CA HIS A 63 0.33 5.59 -17.04
C HIS A 63 -0.11 4.15 -16.90
N ASN A 64 -0.77 3.61 -17.93
CA ASN A 64 -1.09 2.19 -17.94
C ASN A 64 0.16 1.39 -18.29
N ILE A 65 0.37 0.29 -17.58
CA ILE A 65 1.51 -0.57 -17.84
C ILE A 65 1.05 -2.02 -17.74
N GLU A 66 1.69 -2.88 -18.55
CA GLU A 66 1.43 -4.30 -18.42
C GLU A 66 2.65 -5.11 -18.81
N LYS A 67 2.69 -6.31 -18.27
CA LYS A 67 3.68 -7.31 -18.62
C LYS A 67 2.94 -8.62 -18.73
N GLY A 68 3.30 -9.39 -19.76
CA GLY A 68 2.80 -10.73 -19.93
C GLY A 68 3.85 -11.79 -19.66
N THR A 69 3.65 -12.97 -20.25
CA THR A 69 4.41 -14.16 -19.89
C THR A 69 5.88 -14.08 -20.29
N GLU A 70 6.24 -13.10 -21.12
CA GLU A 70 7.65 -12.85 -21.41
C GLU A 70 8.44 -12.42 -20.17
N HIS A 71 7.76 -11.84 -19.16
CA HIS A 71 8.39 -11.21 -18.01
C HIS A 71 8.33 -12.17 -16.81
N GLU A 72 9.19 -11.92 -15.81
CA GLU A 72 9.22 -12.83 -14.66
C GLU A 72 8.01 -12.67 -13.75
N LYS A 73 7.26 -11.59 -13.90
CA LYS A 73 5.94 -11.50 -13.29
C LYS A 73 5.03 -10.85 -14.32
N GLN A 74 3.72 -11.08 -14.16
CA GLN A 74 2.72 -10.57 -15.08
C GLN A 74 1.81 -9.63 -14.32
N TYR A 75 1.34 -8.58 -15.00
CA TYR A 75 0.46 -7.63 -14.31
C TYR A 75 -0.16 -6.69 -15.34
N ARG A 76 -1.20 -6.01 -14.91
CA ARG A 76 -1.87 -4.97 -15.70
C ARG A 76 -2.49 -4.03 -14.68
N PHE A 77 -2.07 -2.77 -14.70
CA PHE A 77 -2.57 -1.75 -13.77
C PHE A 77 -2.09 -0.39 -14.29
N SER A 78 -2.37 0.66 -13.52
CA SER A 78 -1.90 2.00 -13.85
C SER A 78 -1.22 2.60 -12.64
N VAL A 79 -0.24 3.47 -12.90
CA VAL A 79 0.59 4.02 -11.85
C VAL A 79 0.79 5.51 -12.04
N ARG A 80 0.79 6.27 -10.95
CA ARG A 80 1.22 7.67 -10.94
C ARG A 80 2.22 7.80 -9.79
N GLU A 81 3.48 8.01 -10.11
CA GLU A 81 4.47 8.16 -9.05
C GLU A 81 4.43 9.56 -8.45
N ILE A 82 4.78 9.63 -7.16
CA ILE A 82 5.25 10.91 -6.59
C ILE A 82 6.65 11.13 -7.11
N THR A 83 6.93 12.34 -7.58
CA THR A 83 8.21 12.65 -8.21
C THR A 83 8.84 13.85 -7.53
N THR A 84 10.11 14.11 -7.86
CA THR A 84 10.76 15.31 -7.32
C THR A 84 10.09 16.59 -7.79
N SER A 85 9.38 16.55 -8.93
CA SER A 85 8.57 17.68 -9.37
C SER A 85 7.50 18.02 -8.35
N ASP A 86 6.84 16.99 -7.79
CA ASP A 86 5.86 17.24 -6.72
C ASP A 86 6.52 17.85 -5.48
N LEU A 87 7.69 17.35 -5.10
CA LEU A 87 8.36 17.92 -3.93
C LEU A 87 8.66 19.40 -4.16
N GLU A 88 9.07 19.75 -5.38
CA GLU A 88 9.55 21.09 -5.65
C GLU A 88 8.42 22.09 -5.85
N ASN A 89 7.24 21.63 -6.27
CA ASN A 89 6.10 22.52 -6.44
C ASN A 89 5.10 22.42 -5.29
N ASP A 90 5.54 21.91 -4.13
CA ASP A 90 4.72 21.87 -2.93
C ASP A 90 3.43 21.08 -3.18
N PHE A 91 3.53 20.01 -3.95
CA PHE A 91 2.40 19.11 -4.19
C PHE A 91 1.19 19.81 -4.79
N LYS A 92 1.40 20.81 -5.63
CA LYS A 92 0.26 21.62 -6.07
C LYS A 92 -0.71 20.84 -6.98
N ASN A 93 -0.27 19.72 -7.56
CA ASN A 93 -1.10 18.94 -8.47
C ASN A 93 -1.81 17.80 -7.78
N LEU A 94 -1.67 17.71 -6.46
CA LEU A 94 -2.28 16.66 -5.67
C LEU A 94 -3.06 17.25 -4.52
N GLY A 95 -3.99 16.46 -4.00
CA GLY A 95 -4.67 16.89 -2.78
C GLY A 95 -3.70 17.01 -1.63
N LYS A 96 -4.01 17.95 -0.72
CA LYS A 96 -3.17 18.23 0.44
C LYS A 96 -2.91 16.99 1.29
N CYS A 97 -3.89 16.09 1.38
CA CYS A 97 -3.68 14.86 2.16
C CYS A 97 -2.49 14.00 1.66
N TRP A 98 -2.17 14.07 0.37
CA TRP A 98 -1.05 13.28 -0.13
C TRP A 98 0.28 13.91 0.24
N GLN A 99 0.36 15.24 0.36
CA GLN A 99 1.55 15.86 0.91
C GLN A 99 1.75 15.46 2.36
N ILE A 100 0.66 15.46 3.14
CA ILE A 100 0.73 15.03 4.53
C ILE A 100 1.16 13.59 4.63
N LEU A 101 0.62 12.71 3.79
CA LEU A 101 1.03 11.30 3.83
C LEU A 101 2.53 11.18 3.58
N TYR A 102 3.03 11.87 2.55
CA TYR A 102 4.47 11.89 2.27
C TYR A 102 5.27 12.37 3.49
N GLN A 103 4.82 13.45 4.14
CA GLN A 103 5.53 13.96 5.30
C GLN A 103 5.52 12.95 6.44
N GLU A 104 4.40 12.23 6.62
CA GLU A 104 4.36 11.28 7.73
C GLU A 104 5.18 10.04 7.44
N VAL A 105 5.20 9.55 6.19
CA VAL A 105 6.04 8.40 5.86
C VAL A 105 7.52 8.75 6.05
N SER A 106 7.87 10.00 5.81
CA SER A 106 9.24 10.43 5.93
C SER A 106 9.61 10.87 7.35
N SER A 107 8.72 10.64 8.32
CA SER A 107 8.92 11.12 9.70
C SER A 107 9.56 10.07 10.63
N VAL A 108 10.14 10.58 11.73
CA VAL A 108 10.68 9.69 12.76
C VAL A 108 9.59 8.81 13.35
N GLN A 109 8.35 9.30 13.36
CA GLN A 109 7.26 8.53 13.93
C GLN A 109 7.02 7.25 13.13
N TYR A 110 7.10 7.33 11.79
CA TYR A 110 6.91 6.13 10.96
C TYR A 110 8.04 5.15 11.20
N ARG A 111 9.28 5.64 11.23
CA ARG A 111 10.40 4.76 11.55
C ARG A 111 10.20 4.10 12.91
N ASP A 112 9.77 4.87 13.90
CA ASP A 112 9.61 4.29 15.24
C ASP A 112 8.52 3.23 15.26
N ALA A 113 7.40 3.47 14.55
CA ALA A 113 6.31 2.49 14.51
C ALA A 113 6.75 1.19 13.84
N ILE A 114 7.41 1.29 12.69
CA ILE A 114 7.87 0.08 12.02
C ILE A 114 8.85 -0.68 12.92
N LEU A 115 9.76 0.03 13.58
CA LEU A 115 10.76 -0.63 14.42
C LEU A 115 10.07 -1.41 15.54
N LYS A 116 9.02 -0.84 16.11
CA LYS A 116 8.31 -1.51 17.19
C LYS A 116 7.56 -2.73 16.66
N ALA A 117 6.90 -2.58 15.52
CA ALA A 117 6.06 -3.64 14.98
C ALA A 117 6.89 -4.86 14.55
N ILE A 118 7.91 -4.64 13.73
CA ILE A 118 8.61 -5.76 13.10
C ILE A 118 10.11 -5.81 13.38
N ASP A 119 10.62 -4.96 14.27
CA ASP A 119 12.05 -5.00 14.66
C ASP A 119 13.00 -4.77 13.49
N LEU A 120 12.60 -3.92 12.56
CA LEU A 120 13.40 -3.50 11.43
C LEU A 120 13.56 -2.00 11.54
N ASP A 121 14.81 -1.51 11.43
CA ASP A 121 15.13 -0.09 11.53
C ASP A 121 15.35 0.48 10.12
N ILE A 122 14.47 1.39 9.70
CA ILE A 122 14.55 1.98 8.37
C ILE A 122 15.28 3.32 8.36
N SER A 123 15.86 3.72 9.48
CA SER A 123 16.58 4.99 9.55
C SER A 123 17.66 5.10 8.48
N GLY A 124 17.65 6.21 7.77
CA GLY A 124 18.67 6.48 6.77
C GLY A 124 18.44 5.81 5.43
N LEU A 125 17.36 5.02 5.27
CA LEU A 125 17.01 4.36 4.01
C LEU A 125 16.23 5.33 3.11
N LYS A 126 16.13 4.97 1.85
CA LYS A 126 15.41 5.80 0.88
C LYS A 126 14.05 5.20 0.61
N PHE A 127 13.16 6.00 0.00
CA PHE A 127 11.86 5.44 -0.39
C PHE A 127 11.36 6.06 -1.68
N LYS A 128 10.51 5.28 -2.35
CA LYS A 128 9.64 5.68 -3.46
C LYS A 128 8.23 5.62 -2.93
N MET A 129 7.33 6.37 -3.58
CA MET A 129 5.92 6.41 -3.20
C MET A 129 5.10 6.59 -4.46
N GLY A 130 4.09 5.75 -4.64
CA GLY A 130 3.34 5.79 -5.88
C GLY A 130 1.89 5.40 -5.68
N PHE A 131 1.04 5.98 -6.52
CA PHE A 131 -0.37 5.61 -6.63
C PHE A 131 -0.53 4.47 -7.62
N TYR A 132 -1.01 3.30 -7.16
CA TYR A 132 -1.27 2.14 -8.03
C TYR A 132 -2.76 1.91 -8.08
N LYS A 133 -3.35 2.04 -9.26
CA LYS A 133 -4.79 1.92 -9.47
C LYS A 133 -5.08 0.72 -10.36
N TYR A 134 -5.97 -0.14 -9.93
CA TYR A 134 -6.46 -1.26 -10.71
C TYR A 134 -7.91 -0.91 -10.99
N TYR A 135 -8.29 -0.86 -12.26
CA TYR A 135 -9.61 -0.29 -12.53
C TYR A 135 -10.31 -0.86 -13.75
N ARG A 136 -9.74 -1.87 -14.40
CA ARG A 136 -10.34 -2.50 -15.55
C ARG A 136 -10.40 -3.98 -15.26
N THR A 137 -11.42 -4.64 -15.82
CA THR A 137 -11.53 -6.07 -15.68
C THR A 137 -10.23 -6.72 -16.13
N GLY A 138 -9.71 -7.63 -15.32
CA GLY A 138 -8.44 -8.26 -15.60
C GLY A 138 -7.22 -7.60 -14.99
N ASP A 139 -7.32 -6.37 -14.50
CA ASP A 139 -6.16 -5.78 -13.83
C ASP A 139 -5.79 -6.64 -12.61
N TRP A 140 -4.48 -6.84 -12.41
CA TRP A 140 -4.01 -7.82 -11.42
C TRP A 140 -2.50 -7.71 -11.32
N ILE A 141 -1.92 -8.48 -10.41
CA ILE A 141 -0.49 -8.81 -10.47
C ILE A 141 -0.33 -10.26 -10.04
N SER A 142 0.55 -10.99 -10.74
CA SER A 142 0.75 -12.43 -10.58
C SER A 142 1.63 -12.71 -9.37
N PRO A 143 1.79 -13.99 -9.00
CA PRO A 143 2.57 -14.30 -7.79
C PRO A 143 4.01 -13.81 -7.90
N HIS A 144 4.43 -13.03 -6.89
CA HIS A 144 5.79 -12.49 -6.89
C HIS A 144 6.19 -12.26 -5.44
N LYS A 145 7.50 -12.08 -5.22
CA LYS A 145 8.06 -11.90 -3.88
C LYS A 145 8.32 -10.43 -3.52
N ASP A 146 8.30 -9.53 -4.52
CA ASP A 146 8.95 -8.21 -4.54
C ASP A 146 10.45 -8.27 -4.70
N LYS A 147 11.03 -7.24 -5.30
CA LYS A 147 12.45 -7.23 -5.60
C LYS A 147 13.29 -7.27 -4.31
N PRO A 148 14.36 -8.06 -4.27
CA PRO A 148 15.18 -8.17 -3.05
C PRO A 148 15.93 -6.88 -2.68
N GLU A 149 16.07 -5.95 -3.63
CA GLU A 149 16.60 -4.62 -3.32
C GLU A 149 15.67 -3.84 -2.40
N LYS A 150 14.42 -4.24 -2.31
CA LYS A 150 13.49 -3.60 -1.40
C LYS A 150 13.67 -4.20 -0.01
N ILE A 151 13.92 -3.32 0.96
CA ILE A 151 14.01 -3.72 2.35
C ILE A 151 12.61 -3.80 3.02
N LEU A 152 11.65 -2.96 2.63
CA LEU A 152 10.31 -3.02 3.17
C LEU A 152 9.37 -2.51 2.09
N ASN A 153 8.19 -3.10 2.03
CA ASN A 153 7.15 -2.60 1.16
C ASN A 153 5.89 -2.39 1.99
N HIS A 154 5.23 -1.25 1.84
CA HIS A 154 4.01 -1.00 2.59
C HIS A 154 2.94 -0.58 1.58
N VAL A 155 1.88 -1.39 1.44
CA VAL A 155 0.80 -1.09 0.51
C VAL A 155 -0.41 -0.65 1.33
N MET A 156 -0.96 0.51 1.01
CA MET A 156 -2.09 1.12 1.74
C MET A 156 -3.27 1.22 0.79
N PHE A 157 -4.48 0.89 1.28
CA PHE A 157 -5.70 0.91 0.46
C PHE A 157 -6.60 2.08 0.82
N PHE A 158 -7.42 2.52 -0.15
CA PHE A 158 -8.22 3.74 0.07
C PHE A 158 -9.68 3.64 -0.30
N ASN A 159 -10.17 2.47 -0.71
CA ASN A 159 -11.57 2.39 -1.06
C ASN A 159 -12.49 2.53 0.14
N GLU A 160 -13.57 3.31 -0.04
CA GLU A 160 -14.57 3.42 1.01
C GLU A 160 -15.42 2.16 1.02
N THR A 161 -15.69 1.59 -0.16
CA THR A 161 -16.50 0.39 -0.30
C THR A 161 -15.76 -0.53 -1.26
N TRP A 162 -16.02 -1.84 -1.15
CA TRP A 162 -15.45 -2.79 -2.10
C TRP A 162 -16.30 -4.04 -2.11
N ASN A 163 -16.87 -4.36 -3.26
CA ASN A 163 -17.65 -5.59 -3.40
C ASN A 163 -16.65 -6.73 -3.54
N CYS A 164 -16.58 -7.61 -2.53
CA CYS A 164 -15.59 -8.68 -2.59
C CYS A 164 -15.74 -9.56 -3.83
N ALA A 165 -16.95 -9.71 -4.37
CA ALA A 165 -17.16 -10.53 -5.55
C ALA A 165 -16.49 -9.95 -6.80
N ASN A 166 -16.05 -8.68 -6.74
CA ASN A 166 -15.29 -7.95 -7.76
C ASN A 166 -13.89 -8.53 -7.96
N GLY A 167 -13.39 -9.43 -7.09
CA GLY A 167 -11.95 -9.72 -7.13
C GLY A 167 -11.17 -8.64 -6.40
N GLY A 168 -9.86 -8.58 -6.68
CA GLY A 168 -9.07 -7.46 -6.18
C GLY A 168 -8.53 -7.61 -4.77
N GLN A 169 -8.67 -8.79 -4.15
CA GLN A 169 -8.07 -9.00 -2.83
C GLN A 169 -6.56 -9.11 -2.96
N PHE A 170 -5.84 -8.59 -1.97
CA PHE A 170 -4.44 -8.92 -1.80
C PHE A 170 -4.34 -10.35 -1.29
N LEU A 171 -3.54 -11.19 -1.97
CA LEU A 171 -3.42 -12.59 -1.62
C LEU A 171 -2.04 -12.84 -1.04
N GLY A 172 -1.99 -13.34 0.19
CA GLY A 172 -0.74 -13.87 0.74
C GLY A 172 -0.68 -15.36 0.42
N LEU A 173 0.44 -15.78 -0.18
CA LEU A 173 0.55 -17.09 -0.80
C LEU A 173 1.68 -17.88 -0.15
N ARG A 174 1.59 -19.20 -0.29
CA ARG A 174 2.65 -20.06 0.21
C ARG A 174 3.67 -20.43 -0.85
N SER A 175 3.45 -20.05 -2.09
CA SER A 175 4.29 -20.45 -3.21
C SER A 175 3.92 -19.58 -4.39
N GLN A 176 4.59 -19.79 -5.51
CA GLN A 176 4.32 -19.03 -6.73
C GLN A 176 3.13 -19.66 -7.46
N ASN A 177 1.95 -19.48 -6.87
CA ASN A 177 0.75 -20.15 -7.36
C ASN A 177 -0.44 -19.38 -6.82
N MET A 178 -1.28 -18.84 -7.71
CA MET A 178 -2.44 -18.05 -7.31
C MET A 178 -3.40 -18.81 -6.42
N ASP A 179 -3.40 -20.13 -6.45
CA ASP A 179 -4.35 -20.93 -5.68
C ASP A 179 -3.86 -21.28 -4.29
N ASP A 180 -2.58 -21.06 -4.00
CA ASP A 180 -1.97 -21.52 -2.75
C ASP A 180 -2.04 -20.40 -1.71
N ILE A 181 -3.28 -20.08 -1.32
CA ILE A 181 -3.57 -18.87 -0.56
C ILE A 181 -3.54 -19.19 0.93
N VAL A 182 -2.82 -18.36 1.69
CA VAL A 182 -2.82 -18.43 3.14
C VAL A 182 -3.72 -17.39 3.78
N PHE A 183 -3.70 -16.15 3.32
CA PHE A 183 -4.57 -15.12 3.85
C PHE A 183 -4.93 -14.15 2.73
N GLU A 184 -6.00 -13.39 2.94
CA GLU A 184 -6.48 -12.38 2.01
C GLU A 184 -6.73 -11.10 2.76
N VAL A 185 -6.50 -9.97 2.09
CA VAL A 185 -6.82 -8.65 2.63
C VAL A 185 -7.72 -7.93 1.65
N GLU A 186 -8.85 -7.39 2.14
CA GLU A 186 -9.73 -6.64 1.27
C GLU A 186 -9.17 -5.23 1.08
N PRO A 187 -9.30 -4.63 -0.10
CA PRO A 187 -8.70 -3.29 -0.35
C PRO A 187 -9.52 -2.12 0.18
N LEU A 188 -9.80 -2.13 1.47
CA LEU A 188 -10.65 -1.13 2.10
C LEU A 188 -9.78 -0.15 2.87
N VAL A 189 -10.23 1.11 2.90
CA VAL A 189 -9.45 2.15 3.56
C VAL A 189 -9.21 1.77 5.02
N GLY A 190 -7.96 1.95 5.48
CA GLY A 190 -7.58 1.52 6.82
C GLY A 190 -6.79 0.24 6.81
N ASN A 191 -7.05 -0.61 5.82
CA ASN A 191 -6.28 -1.84 5.65
C ASN A 191 -4.99 -1.53 4.94
N SER A 192 -3.93 -2.21 5.37
CA SER A 192 -2.65 -2.07 4.70
C SER A 192 -1.82 -3.29 5.07
N VAL A 193 -0.75 -3.52 4.29
CA VAL A 193 0.08 -4.72 4.43
C VAL A 193 1.52 -4.24 4.32
N PHE A 194 2.34 -4.61 5.29
CA PHE A 194 3.75 -4.22 5.22
C PHE A 194 4.66 -5.41 5.52
N PHE A 195 5.72 -5.57 4.70
CA PHE A 195 6.57 -6.74 4.88
C PHE A 195 7.91 -6.47 4.24
N GLU A 196 8.91 -7.21 4.72
CA GLU A 196 10.22 -7.23 4.12
C GLU A 196 10.22 -8.27 3.01
N PRO A 197 10.57 -7.92 1.78
CA PRO A 197 10.65 -8.94 0.73
C PRO A 197 11.71 -9.98 1.08
N ARG A 198 11.38 -11.26 0.84
CA ARG A 198 12.26 -12.37 1.22
C ARG A 198 12.17 -13.41 0.13
N GLU A 199 12.89 -14.54 0.26
CA GLU A 199 12.83 -15.58 -0.77
C GLU A 199 11.50 -16.30 -0.81
N ASN A 200 10.62 -16.11 0.19
CA ASN A 200 9.31 -16.75 0.18
C ASN A 200 8.14 -15.81 0.45
N SER A 201 8.32 -14.49 0.25
CA SER A 201 7.24 -13.54 0.52
C SER A 201 6.25 -13.43 -0.66
N TRP A 202 5.71 -14.57 -1.05
CA TRP A 202 4.86 -14.66 -2.22
C TRP A 202 3.51 -13.98 -1.97
N HIS A 203 3.07 -13.16 -2.92
CA HIS A 203 1.78 -12.53 -2.85
C HIS A 203 1.34 -12.14 -4.27
N ALA A 204 0.08 -11.73 -4.39
CA ALA A 204 -0.54 -11.44 -5.68
C ALA A 204 -1.81 -10.63 -5.43
N VAL A 205 -2.42 -10.16 -6.52
CA VAL A 205 -3.73 -9.51 -6.44
C VAL A 205 -4.66 -10.31 -7.32
N ARG A 206 -5.78 -10.74 -6.74
CA ARG A 206 -6.78 -11.48 -7.52
C ARG A 206 -7.31 -10.56 -8.63
N PRO A 207 -7.35 -11.00 -9.89
CA PRO A 207 -7.79 -10.12 -10.98
C PRO A 207 -9.20 -9.53 -10.79
N LEU A 208 -9.36 -8.28 -11.22
CA LEU A 208 -10.67 -7.64 -11.17
C LEU A 208 -11.61 -8.33 -12.16
N LEU A 209 -12.88 -8.50 -11.74
CA LEU A 209 -13.93 -9.08 -12.58
C LEU A 209 -14.88 -8.02 -13.15
N CYS A 210 -14.74 -6.77 -12.71
CA CYS A 210 -15.61 -5.63 -12.96
C CYS A 210 -14.66 -4.44 -13.21
N ASP A 211 -15.08 -3.44 -14.02
CA ASP A 211 -14.35 -2.16 -14.08
C ASP A 211 -14.76 -1.34 -12.86
N GLN A 212 -14.09 -1.58 -11.74
CA GLN A 212 -14.32 -0.81 -10.53
C GLN A 212 -12.97 -0.37 -9.99
N PRO A 213 -12.79 0.91 -9.70
CA PRO A 213 -11.46 1.40 -9.27
C PRO A 213 -11.09 0.88 -7.89
N ARG A 214 -9.89 0.26 -7.81
CA ARG A 214 -9.30 -0.25 -6.58
C ARG A 214 -8.05 0.59 -6.37
N LEU A 215 -8.05 1.42 -5.32
CA LEU A 215 -7.10 2.52 -5.18
C LEU A 215 -6.09 2.26 -4.08
N SER A 216 -4.80 2.30 -4.41
CA SER A 216 -3.79 2.04 -3.39
C SER A 216 -2.60 2.99 -3.53
N VAL A 217 -1.77 3.04 -2.48
CA VAL A 217 -0.45 3.68 -2.51
C VAL A 217 0.56 2.64 -2.09
N GLN A 218 1.69 2.57 -2.78
CA GLN A 218 2.78 1.71 -2.35
C GLN A 218 3.94 2.58 -1.92
N ILE A 219 4.51 2.25 -0.75
CA ILE A 219 5.74 2.83 -0.24
C ILE A 219 6.80 1.74 -0.37
N GLU A 220 7.89 2.04 -1.05
CA GLU A 220 8.96 1.06 -1.26
C GLU A 220 10.24 1.63 -0.71
N ILE A 221 10.84 0.91 0.25
CA ILE A 221 11.99 1.35 1.04
C ILE A 221 13.20 0.50 0.68
N PHE A 222 14.36 1.15 0.52
CA PHE A 222 15.50 0.46 -0.06
C PHE A 222 16.80 1.19 0.27
N ARG A 223 17.89 0.46 0.17
CA ARG A 223 19.19 1.09 0.21
C ARG A 223 19.77 1.28 -1.17
N THR A 224 19.60 0.28 -2.05
CA THR A 224 20.17 0.30 -3.39
C THR A 224 19.04 0.59 -4.35
N GLN A 225 19.26 1.57 -5.22
CA GLN A 225 18.23 2.00 -6.13
C GLN A 225 17.89 0.85 -7.08
N PHE A 226 16.61 0.78 -7.47
CA PHE A 226 16.13 -0.24 -8.41
C PHE A 226 15.10 0.40 -9.36
#